data_2YN4
#
_entry.id   2YN4
#
_cell.length_a   42.670
_cell.length_b   68.580
_cell.length_c   157.980
_cell.angle_alpha   90.00
_cell.angle_beta   90.00
_cell.angle_gamma   90.00
#
_symmetry.space_group_name_H-M   'P 21 21 21'
#
loop_
_entity.id
_entity.type
_entity.pdbx_description
1 polymer 'L-HALOACID DEHALOGENASE'
2 non-polymer '(2S)-2-chlorobutanoic acid'
3 water water
#
_entity_poly.entity_id   1
_entity_poly.type   'polypeptide(L)'
_entity_poly.pdbx_seq_one_letter_code
;MTPSHPARPSRSGILVFDVNETLLDLTSLSPLFERVFGDAKVLREWFPELILYSQTLTLTGLYRPFGEIAAAVFEMVAAN
HQAKVTPDDIAELKTRLTSMPAYPDVAPALTRLQDAGFRLVTLTNSAPSPAPSPLEKAGIASFFEAHLTVHSSQRFKPHP
SVYDSTAETLGAKPEELCMIACHIWDTIGAQARGWRGGFVARPHNTPLTLAEVPQPDFIGRDMGELADQLIASLTA
;
_entity_poly.pdbx_strand_id   A,B
#
# COMPACT_ATOMS: atom_id res chain seq x y z
N SER A 12 16.46 -27.69 13.17
CA SER A 12 15.84 -26.58 13.98
C SER A 12 15.01 -25.60 13.14
N GLY A 13 15.59 -25.13 12.02
CA GLY A 13 14.90 -24.19 11.13
C GLY A 13 15.72 -22.95 10.79
N ILE A 14 15.28 -22.21 9.79
CA ILE A 14 15.93 -20.95 9.46
C ILE A 14 14.94 -19.83 9.73
N LEU A 15 15.38 -18.81 10.45
CA LEU A 15 14.54 -17.66 10.76
C LEU A 15 15.00 -16.52 9.87
N VAL A 16 14.04 -15.95 9.11
CA VAL A 16 14.32 -14.92 8.10
C VAL A 16 13.68 -13.64 8.60
N PHE A 17 14.53 -12.69 8.97
CA PHE A 17 14.07 -11.47 9.64
C PHE A 17 13.98 -10.30 8.68
N ASP A 18 12.82 -9.65 8.67
CA ASP A 18 12.67 -8.29 8.15
C ASP A 18 13.57 -7.37 8.96
N VAL A 19 14.02 -6.25 8.36
CA VAL A 19 15.01 -5.40 9.04
C VAL A 19 14.45 -4.07 9.53
N ASN A 20 13.96 -3.24 8.62
CA ASN A 20 13.43 -1.92 9.00
CA ASN A 20 13.45 -1.93 9.02
C ASN A 20 12.22 -2.07 9.90
N GLU A 21 12.25 -1.42 11.05
CA GLU A 21 11.17 -1.45 12.04
C GLU A 21 11.10 -2.75 12.86
N THR A 22 11.37 -3.88 12.22
CA THR A 22 11.37 -5.18 12.92
C THR A 22 12.59 -5.27 13.88
N LEU A 23 13.77 -4.99 13.35
CA LEU A 23 15.04 -5.11 14.09
C LEU A 23 15.59 -3.75 14.42
N LEU A 24 15.39 -2.81 13.50
CA LEU A 24 15.96 -1.46 13.63
C LEU A 24 14.83 -0.46 13.82
N ASP A 25 15.10 0.58 14.61
CA ASP A 25 14.03 1.38 15.20
C ASP A 25 13.58 2.52 14.29
N LEU A 26 12.42 2.34 13.68
CA LEU A 26 11.91 3.30 12.68
C LEU A 26 11.55 4.65 13.32
N THR A 27 11.28 4.65 14.62
CA THR A 27 10.94 5.92 15.30
C THR A 27 12.15 6.84 15.43
N SER A 28 13.35 6.33 15.16
CA SER A 28 14.52 7.20 15.04
C SER A 28 14.36 8.26 13.94
N LEU A 29 13.40 8.05 13.03
CA LEU A 29 13.08 9.05 12.00
C LEU A 29 12.15 10.16 12.50
N SER A 30 11.58 10.00 13.70
CA SER A 30 10.54 10.94 14.17
CA SER A 30 10.53 10.93 14.14
C SER A 30 10.97 12.41 14.16
N PRO A 31 12.22 12.72 14.59
CA PRO A 31 12.65 14.13 14.60
C PRO A 31 12.60 14.81 13.24
N LEU A 32 12.89 14.07 12.17
CA LEU A 32 12.83 14.61 10.82
C LEU A 32 11.38 14.97 10.43
N PHE A 33 10.44 14.09 10.74
CA PHE A 33 9.02 14.37 10.55
C PHE A 33 8.53 15.53 11.44
N GLU A 34 8.98 15.56 12.70
CA GLU A 34 8.70 16.71 13.58
C GLU A 34 9.18 18.03 12.95
N ARG A 35 10.39 18.04 12.38
CA ARG A 35 10.95 19.27 11.82
C ARG A 35 10.23 19.68 10.55
N VAL A 36 10.06 18.72 9.65
CA VAL A 36 9.57 19.04 8.31
C VAL A 36 8.06 19.28 8.34
N PHE A 37 7.33 18.50 9.12
CA PHE A 37 5.85 18.54 9.09
C PHE A 37 5.26 19.25 10.31
N GLY A 38 6.08 19.51 11.31
CA GLY A 38 5.58 19.96 12.61
C GLY A 38 4.81 18.90 13.35
N ASP A 39 5.02 17.63 13.00
CA ASP A 39 4.20 16.56 13.54
C ASP A 39 4.93 15.26 13.25
N ALA A 40 5.50 14.65 14.30
CA ALA A 40 6.22 13.38 14.18
C ALA A 40 5.32 12.23 13.72
N LYS A 41 4.01 12.36 13.97
CA LYS A 41 3.06 11.31 13.62
C LYS A 41 2.89 11.09 12.10
N VAL A 42 3.40 12.03 11.30
CA VAL A 42 3.38 11.90 9.84
C VAL A 42 4.22 10.70 9.39
N LEU A 43 5.12 10.22 10.26
CA LEU A 43 5.85 8.96 10.03
C LEU A 43 4.89 7.83 9.66
N ARG A 44 3.74 7.79 10.35
CA ARG A 44 2.73 6.71 10.20
C ARG A 44 1.77 6.92 9.01
N GLU A 45 1.91 8.05 8.34
CA GLU A 45 1.28 8.28 7.03
C GLU A 45 2.28 7.95 5.91
N TRP A 46 3.49 8.50 6.01
CA TRP A 46 4.53 8.22 5.04
C TRP A 46 4.88 6.73 4.90
N PHE A 47 5.01 6.02 6.01
CA PHE A 47 5.52 4.65 5.92
C PHE A 47 4.55 3.74 5.14
N PRO A 48 3.25 3.77 5.48
CA PRO A 48 2.36 2.95 4.65
C PRO A 48 2.26 3.42 3.19
N GLU A 49 2.35 4.71 2.93
CA GLU A 49 2.39 5.23 1.54
CA GLU A 49 2.37 5.14 1.54
C GLU A 49 3.61 4.63 0.81
N LEU A 50 4.75 4.62 1.49
CA LEU A 50 5.97 4.01 0.92
C LEU A 50 5.74 2.53 0.56
N ILE A 51 5.18 1.77 1.50
CA ILE A 51 4.91 0.34 1.22
C ILE A 51 3.87 0.19 0.09
N LEU A 52 2.81 1.01 0.14
CA LEU A 52 1.81 1.06 -0.95
C LEU A 52 2.51 1.21 -2.31
N TYR A 53 3.33 2.25 -2.44
CA TYR A 53 3.94 2.50 -3.75
C TYR A 53 4.95 1.41 -4.14
N SER A 54 5.64 0.82 -3.16
CA SER A 54 6.52 -0.30 -3.47
C SER A 54 5.71 -1.46 -4.13
N GLN A 55 4.51 -1.68 -3.61
CA GLN A 55 3.67 -2.78 -4.12
CA GLN A 55 3.62 -2.75 -4.09
C GLN A 55 3.01 -2.41 -5.44
N THR A 56 2.69 -1.13 -5.63
CA THR A 56 2.16 -0.62 -6.91
C THR A 56 3.22 -0.80 -8.01
N LEU A 57 4.46 -0.41 -7.75
CA LEU A 57 5.52 -0.62 -8.74
CA LEU A 57 5.52 -0.62 -8.74
C LEU A 57 5.62 -2.11 -9.09
N THR A 58 5.63 -2.95 -8.05
CA THR A 58 5.75 -4.39 -8.26
C THR A 58 4.61 -4.94 -9.12
N LEU A 59 3.38 -4.53 -8.81
CA LEU A 59 2.22 -4.96 -9.59
C LEU A 59 2.20 -4.51 -11.04
N THR A 60 2.87 -3.40 -11.32
CA THR A 60 2.86 -2.83 -12.66
C THR A 60 4.13 -3.10 -13.44
N GLY A 61 5.06 -3.84 -12.84
CA GLY A 61 6.27 -4.23 -13.56
C GLY A 61 7.35 -3.17 -13.60
N LEU A 62 7.29 -2.24 -12.64
CA LEU A 62 8.28 -1.17 -12.51
C LEU A 62 9.14 -1.44 -11.26
N TYR A 63 10.35 -0.91 -11.26
CA TYR A 63 11.24 -1.05 -10.11
C TYR A 63 12.17 0.14 -9.97
N ARG A 64 12.26 0.68 -8.77
CA ARG A 64 13.37 1.56 -8.41
C ARG A 64 13.79 1.13 -7.01
N PRO A 65 15.06 1.40 -6.63
CA PRO A 65 15.48 0.99 -5.29
C PRO A 65 14.58 1.59 -4.20
N PHE A 66 14.40 0.84 -3.12
CA PHE A 66 13.53 1.23 -2.02
C PHE A 66 13.79 2.67 -1.51
N GLY A 67 15.07 3.02 -1.30
CA GLY A 67 15.41 4.37 -0.84
C GLY A 67 14.94 5.49 -1.74
N GLU A 68 14.98 5.25 -3.05
CA GLU A 68 14.52 6.23 -4.01
CA GLU A 68 14.50 6.22 -4.04
C GLU A 68 13.00 6.39 -3.89
N ILE A 69 12.29 5.27 -3.68
CA ILE A 69 10.87 5.36 -3.46
C ILE A 69 10.60 6.11 -2.16
N ALA A 70 11.39 5.82 -1.12
CA ALA A 70 11.22 6.47 0.15
C ALA A 70 11.33 8.00 -0.01
N ALA A 71 12.31 8.45 -0.78
CA ALA A 71 12.53 9.90 -0.98
C ALA A 71 11.36 10.51 -1.74
N ALA A 72 10.93 9.83 -2.78
CA ALA A 72 9.86 10.32 -3.64
C ALA A 72 8.54 10.39 -2.87
N VAL A 73 8.29 9.40 -2.03
CA VAL A 73 7.07 9.37 -1.24
C VAL A 73 7.17 10.43 -0.12
N PHE A 74 8.36 10.64 0.41
CA PHE A 74 8.56 11.73 1.38
C PHE A 74 8.15 13.06 0.74
N GLU A 75 8.66 13.32 -0.47
CA GLU A 75 8.35 14.56 -1.20
C GLU A 75 6.84 14.69 -1.48
N MET A 76 6.20 13.58 -1.81
CA MET A 76 4.76 13.57 -2.09
C MET A 76 3.94 13.88 -0.84
N VAL A 77 4.27 13.19 0.25
CA VAL A 77 3.56 13.43 1.51
C VAL A 77 3.77 14.88 1.94
N ALA A 78 5.00 15.38 1.74
CA ALA A 78 5.29 16.81 2.03
C ALA A 78 4.36 17.70 1.23
N ALA A 79 4.31 17.49 -0.10
CA ALA A 79 3.40 18.27 -0.95
C ALA A 79 1.94 18.16 -0.49
N ASN A 80 1.52 16.95 -0.10
CA ASN A 80 0.17 16.72 0.44
C ASN A 80 -0.12 17.51 1.70
N HIS A 81 0.94 17.85 2.45
CA HIS A 81 0.82 18.62 3.68
C HIS A 81 1.18 20.09 3.42
N GLN A 82 1.49 20.43 2.16
CA GLN A 82 1.99 21.77 1.77
C GLN A 82 3.27 22.17 2.53
N ALA A 83 4.10 21.18 2.84
CA ALA A 83 5.31 21.37 3.62
C ALA A 83 6.52 21.50 2.71
N LYS A 84 7.35 22.49 2.98
CA LYS A 84 8.58 22.72 2.23
C LYS A 84 9.60 21.57 2.44
N VAL A 85 10.19 21.10 1.35
CA VAL A 85 11.27 20.09 1.41
C VAL A 85 12.52 20.60 0.72
N THR A 86 13.67 20.43 1.36
CA THR A 86 14.94 20.85 0.77
C THR A 86 15.83 19.64 0.43
N PRO A 87 16.89 19.84 -0.39
CA PRO A 87 17.85 18.77 -0.61
C PRO A 87 18.44 18.26 0.71
N ASP A 88 18.61 19.17 1.67
CA ASP A 88 19.10 18.79 2.99
CA ASP A 88 19.07 18.84 3.02
C ASP A 88 18.18 17.78 3.67
N ASP A 89 16.86 18.01 3.59
CA ASP A 89 15.88 17.11 4.20
C ASP A 89 15.96 15.72 3.56
N ILE A 90 16.15 15.69 2.25
CA ILE A 90 16.21 14.44 1.51
C ILE A 90 17.48 13.65 1.85
N ALA A 91 18.62 14.34 1.95
CA ALA A 91 19.85 13.67 2.38
C ALA A 91 19.70 13.15 3.81
N GLU A 92 19.02 13.90 4.66
CA GLU A 92 18.83 13.48 6.04
C GLU A 92 17.93 12.24 6.12
N LEU A 93 16.88 12.20 5.31
CA LEU A 93 16.02 11.01 5.26
C LEU A 93 16.87 9.79 4.91
N LYS A 94 17.72 9.92 3.89
CA LYS A 94 18.59 8.85 3.45
C LYS A 94 19.52 8.42 4.57
N THR A 95 20.17 9.39 5.22
CA THR A 95 21.09 9.09 6.32
C THR A 95 20.36 8.36 7.46
N ARG A 96 19.20 8.89 7.87
CA ARG A 96 18.48 8.30 8.97
C ARG A 96 17.96 6.89 8.64
N LEU A 97 17.43 6.72 7.44
CA LEU A 97 16.88 5.43 7.03
CA LEU A 97 16.89 5.42 7.01
C LEU A 97 17.96 4.34 6.96
N THR A 98 19.22 4.74 6.72
CA THR A 98 20.32 3.77 6.66
C THR A 98 21.13 3.68 7.97
N SER A 99 20.63 4.26 9.05
CA SER A 99 21.36 4.29 10.31
CA SER A 99 21.36 4.21 10.32
C SER A 99 20.43 4.06 11.51
N MET A 100 19.28 3.40 11.32
CA MET A 100 18.39 3.15 12.48
CA MET A 100 18.39 3.18 12.47
C MET A 100 19.04 2.20 13.48
N PRO A 101 18.92 2.51 14.80
CA PRO A 101 19.58 1.65 15.78
C PRO A 101 18.77 0.37 16.09
N ALA A 102 19.42 -0.68 16.56
CA ALA A 102 18.71 -1.88 16.97
C ALA A 102 17.97 -1.61 18.27
N TYR A 103 16.73 -2.08 18.37
CA TYR A 103 16.03 -2.06 19.67
C TYR A 103 16.87 -2.85 20.69
N PRO A 104 16.80 -2.47 21.98
CA PRO A 104 17.49 -3.20 23.05
C PRO A 104 17.13 -4.68 23.14
N ASP A 105 15.93 -5.06 22.70
CA ASP A 105 15.51 -6.46 22.82
C ASP A 105 16.09 -7.39 21.75
N VAL A 106 16.73 -6.80 20.73
CA VAL A 106 17.13 -7.59 19.56
C VAL A 106 18.33 -8.52 19.85
N ALA A 107 19.44 -7.96 20.33
CA ALA A 107 20.64 -8.80 20.53
C ALA A 107 20.39 -9.93 21.51
N PRO A 108 19.66 -9.67 22.63
CA PRO A 108 19.33 -10.79 23.52
C PRO A 108 18.49 -11.88 22.87
N ALA A 109 17.45 -11.50 22.11
CA ALA A 109 16.60 -12.47 21.43
C ALA A 109 17.40 -13.27 20.40
N LEU A 110 18.27 -12.59 19.65
CA LEU A 110 19.09 -13.30 18.63
C LEU A 110 20.07 -14.27 19.27
N THR A 111 20.64 -13.85 20.40
CA THR A 111 21.55 -14.72 21.15
C THR A 111 20.82 -15.97 21.58
N ARG A 112 19.62 -15.79 22.14
CA ARG A 112 18.82 -16.93 22.60
C ARG A 112 18.46 -17.87 21.43
N LEU A 113 18.06 -17.29 20.29
CA LEU A 113 17.66 -18.10 19.12
C LEU A 113 18.84 -18.83 18.53
N GLN A 114 19.98 -18.15 18.45
CA GLN A 114 21.18 -18.79 17.94
C GLN A 114 21.59 -19.95 18.86
N ASP A 115 21.56 -19.69 20.16
CA ASP A 115 21.96 -20.71 21.15
C ASP A 115 20.99 -21.87 21.20
N ALA A 116 19.73 -21.62 20.86
CA ALA A 116 18.74 -22.70 20.74
C ALA A 116 18.89 -23.50 19.42
N GLY A 117 19.81 -23.07 18.56
CA GLY A 117 20.11 -23.84 17.33
C GLY A 117 19.49 -23.33 16.03
N PHE A 118 18.81 -22.19 16.11
CA PHE A 118 18.22 -21.61 14.88
C PHE A 118 19.28 -20.96 14.01
N ARG A 119 19.13 -21.15 12.70
CA ARG A 119 19.89 -20.38 11.72
C ARG A 119 19.16 -19.04 11.48
N LEU A 120 19.93 -17.97 11.31
CA LEU A 120 19.38 -16.61 11.25
C LEU A 120 19.80 -15.93 9.96
N VAL A 121 18.83 -15.31 9.27
CA VAL A 121 19.04 -14.67 7.98
CA VAL A 121 19.14 -14.58 8.05
C VAL A 121 18.23 -13.37 8.01
N THR A 122 18.65 -12.37 7.24
CA THR A 122 17.81 -11.19 7.04
C THR A 122 17.35 -11.07 5.59
N LEU A 123 16.19 -10.44 5.43
CA LEU A 123 15.61 -10.24 4.09
C LEU A 123 14.90 -8.89 4.10
N THR A 124 15.39 -7.98 3.27
CA THR A 124 14.84 -6.63 3.30
CA THR A 124 14.92 -6.58 3.27
C THR A 124 14.47 -6.13 1.90
N ASN A 125 13.43 -5.28 1.85
CA ASN A 125 13.08 -4.51 0.65
C ASN A 125 14.24 -3.56 0.29
N SER A 126 15.00 -3.13 1.30
CA SER A 126 16.13 -2.20 1.08
C SER A 126 17.19 -2.79 0.17
N ALA A 127 17.72 -1.99 -0.75
CA ALA A 127 18.78 -2.43 -1.67
C ALA A 127 20.10 -2.65 -0.90
N PRO A 128 21.01 -3.50 -1.42
CA PRO A 128 22.32 -3.63 -0.74
C PRO A 128 23.04 -2.29 -0.64
N SER A 129 23.67 -2.01 0.50
CA SER A 129 24.43 -0.78 0.71
CA SER A 129 24.43 -0.77 0.64
C SER A 129 25.92 -1.08 0.66
N PRO A 130 26.78 -0.04 0.45
CA PRO A 130 28.17 -0.40 0.66
C PRO A 130 28.36 -0.65 2.15
N ALA A 131 29.43 -1.34 2.52
CA ALA A 131 29.74 -1.55 3.93
C ALA A 131 30.11 -0.20 4.58
N PRO A 132 29.76 0.00 5.85
CA PRO A 132 28.98 -0.89 6.71
C PRO A 132 27.48 -0.74 6.44
N SER A 133 26.78 -1.88 6.43
CA SER A 133 25.34 -1.87 6.28
C SER A 133 24.68 -1.30 7.52
N PRO A 134 23.39 -0.96 7.43
CA PRO A 134 22.65 -0.59 8.65
C PRO A 134 22.76 -1.64 9.76
N LEU A 135 22.72 -2.93 9.40
CA LEU A 135 22.83 -4.00 10.42
C LEU A 135 24.22 -4.03 11.04
N GLU A 136 25.24 -3.75 10.24
CA GLU A 136 26.61 -3.70 10.76
C GLU A 136 26.78 -2.53 11.68
N LYS A 137 26.29 -1.36 11.26
CA LYS A 137 26.41 -0.14 12.07
C LYS A 137 25.70 -0.33 13.39
N ALA A 138 24.58 -1.06 13.35
CA ALA A 138 23.78 -1.26 14.57
C ALA A 138 24.37 -2.35 15.46
N GLY A 139 25.37 -3.05 14.96
CA GLY A 139 26.12 -4.03 15.75
C GLY A 139 25.49 -5.41 15.85
N ILE A 140 24.52 -5.71 14.99
CA ILE A 140 23.84 -6.99 15.06
C ILE A 140 24.02 -7.83 13.79
N ALA A 141 24.78 -7.34 12.80
CA ALA A 141 24.94 -8.08 11.55
C ALA A 141 25.56 -9.49 11.71
N SER A 142 26.44 -9.63 12.71
CA SER A 142 27.19 -10.86 12.94
C SER A 142 26.38 -12.07 13.41
N PHE A 143 25.13 -11.84 13.83
CA PHE A 143 24.26 -12.96 14.21
C PHE A 143 23.78 -13.75 13.01
N PHE A 144 23.86 -13.15 11.82
CA PHE A 144 23.17 -13.70 10.66
C PHE A 144 24.14 -14.32 9.68
N GLU A 145 23.77 -15.47 9.13
CA GLU A 145 24.64 -16.19 8.19
C GLU A 145 24.52 -15.63 6.77
N ALA A 146 23.43 -14.93 6.48
CA ALA A 146 23.21 -14.35 5.15
C ALA A 146 22.37 -13.09 5.28
N HIS A 147 22.59 -12.14 4.35
CA HIS A 147 21.83 -10.90 4.30
C HIS A 147 21.26 -10.70 2.90
N LEU A 148 19.97 -10.96 2.77
CA LEU A 148 19.35 -10.99 1.47
C LEU A 148 18.49 -9.76 1.25
N THR A 149 18.27 -9.43 -0.02
CA THR A 149 17.47 -8.25 -0.38
CA THR A 149 17.53 -8.24 -0.40
C THR A 149 16.61 -8.57 -1.58
N VAL A 150 15.58 -7.75 -1.77
CA VAL A 150 14.72 -7.90 -2.95
C VAL A 150 15.37 -7.38 -4.25
N HIS A 151 16.52 -6.71 -4.12
CA HIS A 151 17.07 -5.92 -5.22
C HIS A 151 17.34 -6.70 -6.49
N SER A 152 17.87 -7.92 -6.39
CA SER A 152 18.12 -8.74 -7.59
CA SER A 152 18.12 -8.74 -7.59
C SER A 152 16.83 -9.23 -8.24
N SER A 153 15.79 -9.37 -7.43
CA SER A 153 14.46 -9.79 -7.89
C SER A 153 13.74 -8.65 -8.60
N GLN A 154 14.10 -7.43 -8.23
CA GLN A 154 13.44 -6.21 -8.70
C GLN A 154 11.95 -6.24 -8.44
N ARG A 155 11.54 -6.89 -7.35
CA ARG A 155 10.12 -6.95 -6.97
C ARG A 155 10.12 -6.82 -5.47
N PHE A 156 9.13 -6.14 -4.92
CA PHE A 156 9.08 -5.99 -3.46
C PHE A 156 8.19 -7.03 -2.78
N LYS A 157 8.42 -7.25 -1.48
CA LYS A 157 7.45 -7.98 -0.67
C LYS A 157 6.05 -7.36 -0.86
N PRO A 158 5.01 -8.20 -0.89
CA PRO A 158 5.05 -9.64 -0.66
C PRO A 158 5.04 -10.46 -1.95
N HIS A 159 5.66 -9.97 -3.03
CA HIS A 159 5.63 -10.75 -4.29
C HIS A 159 6.23 -12.15 -4.06
N PRO A 160 5.58 -13.20 -4.59
CA PRO A 160 6.10 -14.56 -4.36
C PRO A 160 7.55 -14.78 -4.77
N SER A 161 8.04 -14.06 -5.79
CA SER A 161 9.43 -14.18 -6.27
CA SER A 161 9.42 -14.23 -6.26
C SER A 161 10.43 -13.89 -5.16
N VAL A 162 10.10 -12.94 -4.29
CA VAL A 162 10.97 -12.55 -3.18
C VAL A 162 11.25 -13.73 -2.24
N TYR A 163 10.18 -14.40 -1.78
CA TYR A 163 10.32 -15.53 -0.85
C TYR A 163 10.91 -16.75 -1.58
N ASP A 164 10.39 -17.03 -2.78
CA ASP A 164 10.92 -18.15 -3.58
C ASP A 164 12.42 -18.02 -3.86
N SER A 165 12.88 -16.85 -4.31
CA SER A 165 14.29 -16.67 -4.62
C SER A 165 15.15 -16.76 -3.36
N THR A 166 14.58 -16.31 -2.23
CA THR A 166 15.23 -16.48 -0.92
C THR A 166 15.44 -17.94 -0.53
N ALA A 167 14.39 -18.75 -0.64
CA ALA A 167 14.49 -20.17 -0.32
C ALA A 167 15.54 -20.81 -1.24
N GLU A 168 15.48 -20.42 -2.51
CA GLU A 168 16.43 -20.89 -3.53
CA GLU A 168 16.43 -20.87 -3.53
C GLU A 168 17.88 -20.57 -3.15
N THR A 169 18.16 -19.31 -2.81
CA THR A 169 19.52 -18.90 -2.42
C THR A 169 20.02 -19.70 -1.22
N LEU A 170 19.14 -19.92 -0.25
CA LEU A 170 19.52 -20.64 0.97
C LEU A 170 19.55 -22.15 0.78
N GLY A 171 19.16 -22.61 -0.41
CA GLY A 171 18.93 -24.05 -0.62
C GLY A 171 17.97 -24.65 0.38
N ALA A 172 16.94 -23.89 0.75
CA ALA A 172 16.00 -24.34 1.79
C ALA A 172 14.59 -24.60 1.29
N LYS A 173 13.91 -25.53 1.93
CA LYS A 173 12.51 -25.81 1.63
CA LYS A 173 12.50 -25.85 1.66
C LYS A 173 11.59 -24.89 2.43
N PRO A 174 10.38 -24.59 1.89
CA PRO A 174 9.47 -23.74 2.67
C PRO A 174 9.20 -24.18 4.11
N GLU A 175 9.09 -25.49 4.35
CA GLU A 175 8.78 -26.00 5.70
CA GLU A 175 8.79 -26.00 5.70
C GLU A 175 9.88 -25.65 6.72
N GLU A 176 11.08 -25.40 6.23
CA GLU A 176 12.22 -25.07 7.09
C GLU A 176 12.34 -23.58 7.43
N LEU A 177 11.50 -22.75 6.80
CA LEU A 177 11.65 -21.29 6.86
C LEU A 177 10.53 -20.67 7.66
N CYS A 178 10.90 -19.64 8.41
CA CYS A 178 9.92 -18.83 9.11
C CYS A 178 10.29 -17.36 8.92
N MET A 179 9.35 -16.60 8.34
CA MET A 179 9.50 -15.15 8.15
C MET A 179 9.13 -14.42 9.44
N ILE A 180 10.03 -13.57 9.94
CA ILE A 180 9.81 -12.79 11.18
CA ILE A 180 9.75 -12.79 11.17
C ILE A 180 9.69 -11.29 10.85
N ALA A 181 8.59 -10.66 11.23
CA ALA A 181 8.39 -9.24 10.90
C ALA A 181 7.39 -8.60 11.83
N CYS A 182 7.44 -7.27 11.91
CA CYS A 182 6.38 -6.54 12.59
C CYS A 182 5.35 -6.03 11.58
N HIS A 183 5.43 -6.53 10.34
CA HIS A 183 4.52 -6.11 9.31
C HIS A 183 3.73 -7.31 8.83
N ILE A 184 2.42 -7.25 9.00
CA ILE A 184 1.63 -8.43 8.65
CA ILE A 184 1.53 -8.36 8.63
C ILE A 184 1.63 -8.71 7.14
N TRP A 185 1.85 -7.70 6.30
CA TRP A 185 1.99 -7.93 4.87
CA TRP A 185 1.96 -7.97 4.86
C TRP A 185 3.16 -8.88 4.55
N ASP A 186 4.22 -8.81 5.35
CA ASP A 186 5.41 -9.63 5.13
C ASP A 186 5.16 -11.09 5.55
N THR A 187 4.52 -11.28 6.70
CA THR A 187 4.19 -12.64 7.14
C THR A 187 3.17 -13.31 6.24
N ILE A 188 2.19 -12.54 5.77
CA ILE A 188 1.18 -13.06 4.83
C ILE A 188 1.91 -13.52 3.55
N GLY A 189 2.83 -12.67 3.06
CA GLY A 189 3.62 -13.00 1.86
C GLY A 189 4.35 -14.33 1.99
N ALA A 190 5.03 -14.51 3.11
CA ALA A 190 5.82 -15.74 3.34
C ALA A 190 4.93 -16.97 3.50
N GLN A 191 3.85 -16.84 4.29
CA GLN A 191 2.98 -17.96 4.56
CA GLN A 191 2.94 -17.94 4.57
C GLN A 191 2.25 -18.46 3.30
N ALA A 192 1.96 -17.54 2.38
CA ALA A 192 1.37 -17.90 1.09
C ALA A 192 2.33 -18.79 0.29
N ARG A 193 3.62 -18.74 0.61
CA ARG A 193 4.62 -19.58 -0.05
CA ARG A 193 4.61 -19.58 -0.06
C ARG A 193 4.96 -20.82 0.77
N GLY A 194 4.16 -21.08 1.81
CA GLY A 194 4.31 -22.28 2.62
C GLY A 194 5.37 -22.19 3.70
N TRP A 195 5.93 -21.00 3.89
CA TRP A 195 6.79 -20.74 5.07
C TRP A 195 5.91 -20.57 6.29
N ARG A 196 6.52 -20.64 7.48
CA ARG A 196 5.81 -20.18 8.67
CA ARG A 196 5.89 -20.20 8.72
C ARG A 196 6.03 -18.67 8.83
N GLY A 197 5.20 -18.04 9.63
CA GLY A 197 5.27 -16.60 9.89
C GLY A 197 5.31 -16.29 11.38
N GLY A 198 6.22 -15.41 11.78
CA GLY A 198 6.30 -14.98 13.17
C GLY A 198 6.15 -13.47 13.28
N PHE A 199 5.16 -13.01 14.05
CA PHE A 199 4.86 -11.57 14.09
C PHE A 199 5.36 -10.99 15.41
N VAL A 200 6.16 -9.93 15.36
CA VAL A 200 6.54 -9.20 16.57
C VAL A 200 5.84 -7.84 16.59
N ALA A 201 5.08 -7.58 17.65
CA ALA A 201 4.17 -6.43 17.72
C ALA A 201 4.82 -5.11 18.12
N ARG A 202 5.68 -4.58 17.24
CA ARG A 202 6.35 -3.28 17.47
C ARG A 202 5.29 -2.22 17.60
N PRO A 203 5.57 -1.14 18.35
CA PRO A 203 4.57 -0.08 18.54
C PRO A 203 3.92 0.36 17.22
N HIS A 204 2.59 0.47 17.25
CA HIS A 204 1.81 0.90 16.09
C HIS A 204 1.70 -0.17 14.99
N ASN A 205 2.01 -1.41 15.35
CA ASN A 205 1.75 -2.57 14.48
C ASN A 205 0.93 -3.64 15.21
N THR A 206 -0.13 -4.09 14.57
CA THR A 206 -0.96 -5.15 15.12
C THR A 206 -1.45 -6.03 13.96
N PRO A 207 -1.87 -7.27 14.27
CA PRO A 207 -2.27 -8.17 13.17
C PRO A 207 -3.55 -7.72 12.47
N LEU A 208 -3.71 -8.15 11.22
CA LEU A 208 -4.90 -7.83 10.46
C LEU A 208 -5.80 -9.07 10.48
N THR A 209 -6.95 -8.91 11.12
CA THR A 209 -7.90 -10.00 11.24
CA THR A 209 -7.89 -10.01 11.23
C THR A 209 -8.87 -9.98 10.07
N LEU A 210 -8.66 -10.89 9.13
CA LEU A 210 -9.49 -10.94 7.95
C LEU A 210 -9.73 -12.39 7.61
N ALA A 211 -10.99 -12.74 7.39
CA ALA A 211 -11.38 -14.09 6.98
C ALA A 211 -10.57 -14.56 5.79
N GLU A 212 -10.04 -15.77 5.87
CA GLU A 212 -9.30 -16.40 4.76
C GLU A 212 -7.83 -15.99 4.62
N VAL A 213 -7.41 -15.04 5.44
CA VAL A 213 -6.02 -14.61 5.46
C VAL A 213 -5.38 -15.26 6.69
N PRO A 214 -4.29 -16.05 6.49
CA PRO A 214 -3.69 -16.76 7.62
CA PRO A 214 -3.67 -16.76 7.61
C PRO A 214 -3.16 -15.82 8.71
N GLN A 215 -3.37 -16.23 9.95
CA GLN A 215 -2.79 -15.52 11.09
CA GLN A 215 -2.82 -15.57 11.13
C GLN A 215 -1.36 -16.01 11.27
N PRO A 216 -0.49 -15.15 11.87
CA PRO A 216 0.89 -15.63 12.07
C PRO A 216 0.92 -16.93 12.89
N ASP A 217 1.91 -17.78 12.62
CA ASP A 217 2.09 -19.01 13.39
C ASP A 217 2.54 -18.70 14.82
N PHE A 218 3.32 -17.64 14.98
CA PHE A 218 3.86 -17.25 16.26
C PHE A 218 3.66 -15.76 16.41
N ILE A 219 3.33 -15.33 17.62
CA ILE A 219 3.11 -13.91 17.92
CA ILE A 219 3.14 -13.91 17.92
C ILE A 219 3.81 -13.53 19.24
N GLY A 220 4.54 -12.42 19.21
CA GLY A 220 5.16 -11.90 20.43
C GLY A 220 4.94 -10.41 20.49
N ARG A 221 4.78 -9.89 21.70
CA ARG A 221 4.63 -8.45 21.90
CA ARG A 221 4.63 -8.46 21.95
C ARG A 221 5.97 -7.74 21.78
N ASP A 222 7.06 -8.51 21.89
CA ASP A 222 8.41 -8.02 21.70
C ASP A 222 9.22 -9.19 21.23
N MET A 223 10.50 -8.97 20.94
CA MET A 223 11.28 -10.04 20.35
C MET A 223 11.52 -11.16 21.36
N GLY A 224 11.57 -10.83 22.65
CA GLY A 224 11.78 -11.82 23.70
C GLY A 224 10.62 -12.80 23.76
N GLU A 225 9.40 -12.27 23.74
CA GLU A 225 8.22 -13.13 23.75
C GLU A 225 8.07 -13.95 22.49
N LEU A 226 8.41 -13.36 21.34
CA LEU A 226 8.40 -14.13 20.12
C LEU A 226 9.42 -15.26 20.19
N ALA A 227 10.64 -14.97 20.65
CA ALA A 227 11.64 -15.99 20.83
C ALA A 227 11.16 -17.09 21.79
N ASP A 228 10.40 -16.72 22.83
CA ASP A 228 9.85 -17.73 23.77
C ASP A 228 9.07 -18.76 22.97
N GLN A 229 8.22 -18.27 22.08
CA GLN A 229 7.31 -19.09 21.29
C GLN A 229 8.05 -19.94 20.27
N LEU A 230 9.04 -19.35 19.60
CA LEU A 230 9.85 -20.08 18.62
C LEU A 230 10.63 -21.20 19.30
N ILE A 231 11.22 -20.88 20.44
CA ILE A 231 12.02 -21.84 21.16
C ILE A 231 11.12 -22.98 21.70
N ALA A 232 9.94 -22.62 22.19
CA ALA A 232 8.98 -23.61 22.72
C ALA A 232 8.55 -24.61 21.65
N SER A 233 8.41 -24.13 20.42
CA SER A 233 7.97 -24.94 19.27
C SER A 233 8.98 -26.02 18.88
N LEU A 234 10.20 -25.94 19.41
CA LEU A 234 11.24 -26.91 19.08
C LEU A 234 11.04 -28.27 19.71
N THR A 235 10.36 -28.31 20.84
CA THR A 235 10.24 -29.53 21.65
C THR A 235 8.80 -29.89 22.04
N ALA A 236 7.84 -29.03 21.70
CA ALA A 236 6.42 -29.27 21.97
C ALA A 236 5.91 -30.48 21.18
N SER B 12 -14.78 10.19 -29.31
CA SER B 12 -13.68 10.95 -28.63
C SER B 12 -12.79 10.05 -27.77
N GLY B 13 -13.36 8.94 -27.29
CA GLY B 13 -12.69 8.05 -26.35
C GLY B 13 -13.59 7.68 -25.19
N ILE B 14 -13.08 6.81 -24.33
CA ILE B 14 -13.85 6.33 -23.21
C ILE B 14 -13.09 6.77 -21.97
N LEU B 15 -13.79 7.45 -21.07
CA LEU B 15 -13.18 7.96 -19.86
C LEU B 15 -13.63 7.01 -18.74
N VAL B 16 -12.65 6.46 -18.04
CA VAL B 16 -12.91 5.46 -16.99
C VAL B 16 -12.55 6.08 -15.64
N PHE B 17 -13.57 6.29 -14.80
CA PHE B 17 -13.39 7.02 -13.55
C PHE B 17 -13.30 6.14 -12.33
N ASP B 18 -12.29 6.39 -11.52
CA ASP B 18 -12.22 5.91 -10.16
C ASP B 18 -13.36 6.57 -9.40
N VAL B 19 -13.88 5.91 -8.37
CA VAL B 19 -15.08 6.39 -7.66
C VAL B 19 -14.76 7.01 -6.30
N ASN B 20 -14.23 6.20 -5.38
CA ASN B 20 -13.98 6.68 -4.00
C ASN B 20 -12.86 7.74 -4.03
N GLU B 21 -13.12 8.90 -3.43
CA GLU B 21 -12.18 10.02 -3.39
C GLU B 21 -12.10 10.83 -4.68
N THR B 22 -12.14 10.17 -5.83
CA THR B 22 -12.07 10.87 -7.12
C THR B 22 -13.41 11.58 -7.42
N LEU B 23 -14.51 10.82 -7.39
CA LEU B 23 -15.85 11.32 -7.67
C LEU B 23 -16.57 11.65 -6.38
N LEU B 24 -16.34 10.82 -5.34
CA LEU B 24 -17.08 10.96 -4.08
C LEU B 24 -16.13 11.37 -2.97
N ASP B 25 -16.61 12.28 -2.13
CA ASP B 25 -15.79 12.97 -1.16
C ASP B 25 -15.39 12.11 0.05
N LEU B 26 -14.15 11.64 0.06
CA LEU B 26 -13.58 10.84 1.16
C LEU B 26 -13.53 11.61 2.47
N THR B 27 -13.42 12.94 2.39
CA THR B 27 -13.34 13.72 3.65
C THR B 27 -14.65 13.71 4.45
N SER B 28 -15.72 13.23 3.81
CA SER B 28 -16.97 12.99 4.53
C SER B 28 -16.79 11.95 5.65
N LEU B 29 -15.69 11.17 5.60
CA LEU B 29 -15.40 10.22 6.67
C LEU B 29 -14.73 10.86 7.88
N SER B 30 -14.26 12.08 7.74
CA SER B 30 -13.41 12.71 8.76
CA SER B 30 -13.39 12.68 8.76
C SER B 30 -14.04 12.72 10.15
N PRO B 31 -15.38 13.01 10.23
CA PRO B 31 -15.96 12.97 11.57
C PRO B 31 -15.87 11.63 12.31
N LEU B 32 -15.88 10.50 11.61
CA LEU B 32 -15.73 9.19 12.23
C LEU B 32 -14.35 9.06 12.88
N PHE B 33 -13.33 9.50 12.16
CA PHE B 33 -11.95 9.49 12.63
C PHE B 33 -11.75 10.47 13.76
N GLU B 34 -12.32 11.67 13.61
CA GLU B 34 -12.29 12.66 14.70
C GLU B 34 -12.82 12.05 16.01
N ARG B 35 -13.93 11.35 15.92
CA ARG B 35 -14.60 10.77 17.10
C ARG B 35 -13.86 9.55 17.66
N VAL B 36 -13.52 8.59 16.81
CA VAL B 36 -12.93 7.33 17.29
C VAL B 36 -11.47 7.53 17.75
N PHE B 37 -10.73 8.39 17.06
CA PHE B 37 -9.28 8.55 17.30
C PHE B 37 -8.92 9.85 18.01
N GLY B 38 -9.88 10.77 18.10
CA GLY B 38 -9.60 12.11 18.55
C GLY B 38 -8.83 12.93 17.56
N ASP B 39 -8.87 12.54 16.28
CA ASP B 39 -8.02 13.17 15.30
C ASP B 39 -8.49 12.77 13.89
N ALA B 40 -9.02 13.74 13.16
CA ALA B 40 -9.51 13.48 11.78
C ALA B 40 -8.38 13.11 10.82
N LYS B 41 -7.14 13.46 11.16
CA LYS B 41 -6.00 13.19 10.27
C LYS B 41 -5.70 11.68 10.09
N VAL B 42 -6.19 10.85 11.02
CA VAL B 42 -6.01 9.38 10.96
C VAL B 42 -6.67 8.81 9.67
N LEU B 43 -7.56 9.59 9.06
CA LEU B 43 -8.11 9.23 7.73
C LEU B 43 -6.95 8.96 6.75
N ARG B 44 -5.88 9.76 6.87
CA ARG B 44 -4.75 9.73 5.93
C ARG B 44 -3.71 8.68 6.31
N GLU B 45 -3.96 8.00 7.41
CA GLU B 45 -3.24 6.78 7.78
C GLU B 45 -4.02 5.55 7.33
N TRP B 46 -5.30 5.49 7.71
CA TRP B 46 -6.18 4.39 7.37
C TRP B 46 -6.30 4.15 5.86
N PHE B 47 -6.52 5.21 5.07
CA PHE B 47 -6.74 5.02 3.64
C PHE B 47 -5.53 4.42 2.91
N PRO B 48 -4.31 4.96 3.09
CA PRO B 48 -3.23 4.22 2.42
C PRO B 48 -3.00 2.80 2.95
N GLU B 49 -3.26 2.55 4.23
CA GLU B 49 -3.20 1.18 4.79
CA GLU B 49 -3.17 1.19 4.73
C GLU B 49 -4.23 0.27 4.12
N LEU B 50 -5.43 0.77 3.88
CA LEU B 50 -6.44 -0.01 3.13
C LEU B 50 -5.92 -0.36 1.72
N ILE B 51 -5.38 0.61 1.01
CA ILE B 51 -4.88 0.35 -0.35
C ILE B 51 -3.70 -0.63 -0.31
N LEU B 52 -2.78 -0.39 0.62
CA LEU B 52 -1.63 -1.28 0.89
C LEU B 52 -2.12 -2.73 1.01
N TYR B 53 -3.08 -2.97 1.94
CA TYR B 53 -3.50 -4.35 2.17
C TYR B 53 -4.27 -4.92 0.99
N SER B 54 -4.96 -4.08 0.24
CA SER B 54 -5.64 -4.59 -0.98
C SER B 54 -4.60 -5.11 -1.96
N GLN B 55 -3.47 -4.41 -2.06
CA GLN B 55 -2.42 -4.81 -2.99
CA GLN B 55 -2.39 -4.78 -2.97
C GLN B 55 -1.65 -6.03 -2.46
N THR B 56 -1.52 -6.13 -1.15
CA THR B 56 -0.90 -7.32 -0.53
C THR B 56 -1.72 -8.57 -0.80
N LEU B 57 -3.04 -8.52 -0.63
CA LEU B 57 -3.86 -9.70 -0.91
CA LEU B 57 -3.86 -9.70 -0.91
C LEU B 57 -3.70 -10.09 -2.37
N THR B 58 -3.77 -9.10 -3.26
CA THR B 58 -3.63 -9.35 -4.70
C THR B 58 -2.30 -10.01 -5.04
N LEU B 59 -1.22 -9.47 -4.50
CA LEU B 59 0.11 -10.03 -4.71
C LEU B 59 0.29 -11.43 -4.17
N THR B 60 -0.44 -11.73 -3.10
CA THR B 60 -0.31 -13.06 -2.49
C THR B 60 -1.36 -14.08 -2.94
N GLY B 61 -2.21 -13.70 -3.89
CA GLY B 61 -3.21 -14.62 -4.44
C GLY B 61 -4.47 -14.78 -3.63
N LEU B 62 -4.76 -13.79 -2.78
CA LEU B 62 -5.94 -13.79 -1.95
C LEU B 62 -6.94 -12.72 -2.41
N TYR B 63 -8.23 -12.97 -2.22
CA TYR B 63 -9.22 -11.94 -2.48
C TYR B 63 -10.30 -11.97 -1.43
N ARG B 64 -10.59 -10.78 -0.90
CA ARG B 64 -11.79 -10.56 -0.10
C ARG B 64 -12.37 -9.23 -0.58
N PRO B 65 -13.69 -9.06 -0.50
CA PRO B 65 -14.31 -7.77 -0.92
C PRO B 65 -13.68 -6.57 -0.24
N PHE B 66 -13.56 -5.47 -1.00
CA PHE B 66 -12.88 -4.26 -0.54
C PHE B 66 -13.42 -3.75 0.79
N GLY B 67 -14.74 -3.77 0.95
CA GLY B 67 -15.36 -3.30 2.20
C GLY B 67 -14.97 -4.09 3.43
N GLU B 68 -14.75 -5.40 3.26
CA GLU B 68 -14.29 -6.23 4.36
CA GLU B 68 -14.27 -6.27 4.32
C GLU B 68 -12.86 -5.84 4.75
N ILE B 69 -12.02 -5.54 3.75
CA ILE B 69 -10.65 -5.11 4.02
C ILE B 69 -10.72 -3.75 4.73
N ALA B 70 -11.63 -2.87 4.29
CA ALA B 70 -11.75 -1.52 4.87
C ALA B 70 -12.05 -1.60 6.37
N ALA B 71 -13.01 -2.44 6.72
CA ALA B 71 -13.38 -2.65 8.12
C ALA B 71 -12.22 -3.28 8.93
N ALA B 72 -11.58 -4.31 8.38
CA ALA B 72 -10.44 -4.97 9.04
C ALA B 72 -9.28 -3.99 9.27
N VAL B 73 -8.99 -3.15 8.28
CA VAL B 73 -7.93 -2.14 8.39
C VAL B 73 -8.32 -1.04 9.40
N PHE B 74 -9.61 -0.69 9.44
CA PHE B 74 -10.06 0.31 10.43
C PHE B 74 -9.83 -0.25 11.83
N GLU B 75 -10.13 -1.53 12.01
CA GLU B 75 -9.93 -2.19 13.31
C GLU B 75 -8.45 -2.27 13.66
N MET B 76 -7.61 -2.55 12.66
CA MET B 76 -6.18 -2.62 12.89
C MET B 76 -5.60 -1.25 13.28
N VAL B 77 -5.98 -0.22 12.52
CA VAL B 77 -5.54 1.17 12.78
C VAL B 77 -5.99 1.60 14.19
N ALA B 78 -7.23 1.24 14.55
CA ALA B 78 -7.77 1.45 15.92
C ALA B 78 -6.85 0.84 16.97
N ALA B 79 -6.59 -0.46 16.83
CA ALA B 79 -5.68 -1.18 17.71
C ALA B 79 -4.32 -0.52 17.79
N ASN B 80 -3.80 -0.07 16.64
CA ASN B 80 -2.50 0.63 16.58
C ASN B 80 -2.47 1.93 17.34
N HIS B 81 -3.63 2.59 17.46
CA HIS B 81 -3.74 3.88 18.17
C HIS B 81 -4.25 3.69 19.60
N GLN B 82 -4.48 2.43 19.96
CA GLN B 82 -5.16 2.01 21.20
C GLN B 82 -6.50 2.68 21.39
N ALA B 83 -7.23 2.83 20.29
CA ALA B 83 -8.57 3.43 20.31
C ALA B 83 -9.67 2.37 20.33
N LYS B 84 -10.66 2.58 21.18
CA LYS B 84 -11.79 1.67 21.30
C LYS B 84 -12.68 1.67 20.04
N VAL B 85 -13.05 0.48 19.56
CA VAL B 85 -13.98 0.32 18.44
C VAL B 85 -15.12 -0.67 18.71
N THR B 86 -16.35 -0.24 18.38
CA THR B 86 -17.53 -1.05 18.61
C THR B 86 -18.13 -1.53 17.29
N PRO B 87 -18.99 -2.56 17.34
CA PRO B 87 -19.77 -2.95 16.18
C PRO B 87 -20.52 -1.78 15.53
N ASP B 88 -20.94 -0.80 16.34
CA ASP B 88 -21.65 0.35 15.80
CA ASP B 88 -21.65 0.38 15.84
C ASP B 88 -20.72 1.29 15.04
N ASP B 89 -19.44 1.36 15.47
CA ASP B 89 -18.44 2.17 14.76
C ASP B 89 -18.21 1.61 13.36
N ILE B 90 -18.14 0.28 13.28
CA ILE B 90 -17.94 -0.41 12.02
C ILE B 90 -19.14 -0.22 11.08
N ALA B 91 -20.33 -0.28 11.65
CA ALA B 91 -21.58 0.05 10.93
C ALA B 91 -21.54 1.48 10.35
N GLU B 92 -21.07 2.42 11.17
CA GLU B 92 -20.97 3.81 10.75
C GLU B 92 -19.93 3.95 9.62
N LEU B 93 -18.80 3.25 9.77
CA LEU B 93 -17.80 3.20 8.68
C LEU B 93 -18.48 2.76 7.39
N LYS B 94 -19.28 1.68 7.45
CA LYS B 94 -19.96 1.18 6.26
C LYS B 94 -20.92 2.24 5.72
N THR B 95 -21.75 2.80 6.60
CA THR B 95 -22.64 3.88 6.21
C THR B 95 -21.93 5.04 5.47
N ARG B 96 -20.84 5.54 6.04
CA ARG B 96 -20.19 6.69 5.47
C ARG B 96 -19.46 6.32 4.18
N LEU B 97 -18.78 5.16 4.19
CA LEU B 97 -17.98 4.73 3.04
CA LEU B 97 -17.97 4.73 3.04
C LEU B 97 -18.85 4.45 1.82
N THR B 98 -20.06 3.94 2.04
CA THR B 98 -20.94 3.61 0.90
C THR B 98 -21.85 4.79 0.52
N SER B 99 -21.68 5.93 1.17
CA SER B 99 -22.59 7.06 0.94
C SER B 99 -21.88 8.40 0.82
N MET B 100 -20.61 8.40 0.42
CA MET B 100 -19.89 9.65 0.24
CA MET B 100 -19.86 9.65 0.21
C MET B 100 -20.55 10.48 -0.85
N PRO B 101 -20.79 11.77 -0.56
CA PRO B 101 -21.44 12.63 -1.56
C PRO B 101 -20.49 13.02 -2.68
N ALA B 102 -21.06 13.30 -3.85
CA ALA B 102 -20.27 13.77 -4.98
C ALA B 102 -19.73 15.17 -4.72
N TYR B 103 -18.47 15.42 -5.09
CA TYR B 103 -17.97 16.81 -5.04
C TYR B 103 -18.87 17.62 -5.99
N PRO B 104 -19.11 18.89 -5.64
CA PRO B 104 -19.93 19.75 -6.51
C PRO B 104 -19.38 19.97 -7.91
N ASP B 105 -18.08 19.73 -8.12
CA ASP B 105 -17.46 19.91 -9.45
C ASP B 105 -17.71 18.72 -10.39
N VAL B 106 -18.34 17.67 -9.86
CA VAL B 106 -18.49 16.42 -10.61
C VAL B 106 -19.60 16.44 -11.66
N ALA B 107 -20.83 16.70 -11.23
CA ALA B 107 -21.96 16.67 -12.17
C ALA B 107 -21.75 17.63 -13.35
N PRO B 108 -21.27 18.88 -13.08
CA PRO B 108 -21.03 19.81 -14.19
C PRO B 108 -19.95 19.32 -15.15
N ALA B 109 -18.83 18.81 -14.61
CA ALA B 109 -17.75 18.27 -15.44
C ALA B 109 -18.19 17.08 -16.28
N LEU B 110 -18.90 16.13 -15.69
CA LEU B 110 -19.43 14.98 -16.44
C LEU B 110 -20.39 15.44 -17.52
N THR B 111 -21.22 16.43 -17.21
CA THR B 111 -22.17 16.98 -18.20
C THR B 111 -21.38 17.48 -19.44
N ARG B 112 -20.35 18.28 -19.20
CA ARG B 112 -19.55 18.81 -20.32
CA ARG B 112 -19.52 18.81 -20.29
C ARG B 112 -18.80 17.73 -21.08
N LEU B 113 -18.29 16.72 -20.38
CA LEU B 113 -17.63 15.59 -21.07
C LEU B 113 -18.60 14.82 -21.96
N GLN B 114 -19.84 14.60 -21.48
CA GLN B 114 -20.86 13.98 -22.32
CA GLN B 114 -20.87 13.99 -22.30
C GLN B 114 -21.16 14.86 -23.53
N ASP B 115 -21.36 16.16 -23.29
CA ASP B 115 -21.62 17.10 -24.39
C ASP B 115 -20.52 17.03 -25.44
N ALA B 116 -19.29 16.78 -24.99
CA ALA B 116 -18.15 16.70 -25.90
C ALA B 116 -18.05 15.35 -26.63
N GLY B 117 -18.93 14.41 -26.29
CA GLY B 117 -18.99 13.12 -26.98
C GLY B 117 -18.17 11.99 -26.38
N PHE B 118 -17.60 12.19 -25.19
CA PHE B 118 -16.87 11.12 -24.46
C PHE B 118 -17.86 10.12 -23.89
N ARG B 119 -17.50 8.84 -23.92
CA ARG B 119 -18.25 7.81 -23.22
C ARG B 119 -17.68 7.73 -21.82
N LEU B 120 -18.56 7.62 -20.84
CA LEU B 120 -18.19 7.67 -19.43
C LEU B 120 -18.49 6.36 -18.73
N VAL B 121 -17.52 5.84 -17.97
CA VAL B 121 -17.61 4.54 -17.30
CA VAL B 121 -17.76 4.62 -17.19
C VAL B 121 -16.97 4.72 -15.91
N THR B 122 -17.40 3.93 -14.91
CA THR B 122 -16.71 3.93 -13.62
C THR B 122 -16.02 2.60 -13.44
N LEU B 123 -14.90 2.62 -12.72
CA LEU B 123 -14.17 1.40 -12.34
C LEU B 123 -13.67 1.54 -10.89
N THR B 124 -14.18 0.65 -10.04
CA THR B 124 -13.88 0.73 -8.62
CA THR B 124 -13.94 0.70 -8.59
C THR B 124 -13.36 -0.59 -8.03
N ASN B 125 -12.52 -0.44 -7.01
CA ASN B 125 -12.09 -1.55 -6.16
C ASN B 125 -13.26 -2.09 -5.37
N SER B 126 -14.26 -1.22 -5.09
CA SER B 126 -15.44 -1.64 -4.32
C SER B 126 -16.22 -2.74 -5.06
N ALA B 127 -16.70 -3.72 -4.30
CA ALA B 127 -17.49 -4.84 -4.87
C ALA B 127 -18.86 -4.38 -5.42
N PRO B 128 -19.45 -5.15 -6.36
CA PRO B 128 -20.79 -4.75 -6.83
C PRO B 128 -21.72 -4.58 -5.62
N SER B 129 -22.45 -3.48 -5.64
CA SER B 129 -23.27 -3.05 -4.52
C SER B 129 -24.74 -3.42 -4.74
N PRO B 130 -25.45 -3.83 -3.69
CA PRO B 130 -26.92 -3.85 -3.80
C PRO B 130 -27.41 -2.44 -4.10
N ALA B 131 -28.54 -2.29 -4.79
CA ALA B 131 -29.09 -0.94 -5.01
C ALA B 131 -29.66 -0.36 -3.70
N PRO B 132 -29.57 0.98 -3.49
CA PRO B 132 -28.84 1.95 -4.31
C PRO B 132 -27.33 1.90 -4.02
N SER B 133 -26.54 2.03 -5.08
CA SER B 133 -25.09 2.07 -4.98
C SER B 133 -24.60 3.41 -4.45
N PRO B 134 -23.31 3.49 -4.05
CA PRO B 134 -22.80 4.82 -3.68
C PRO B 134 -23.00 5.86 -4.79
N LEU B 135 -22.79 5.48 -6.05
CA LEU B 135 -23.02 6.46 -7.12
C LEU B 135 -24.50 6.88 -7.25
N GLU B 136 -25.40 5.94 -7.02
CA GLU B 136 -26.84 6.22 -7.08
CA GLU B 136 -26.84 6.22 -7.10
C GLU B 136 -27.24 7.12 -5.94
N LYS B 137 -26.79 6.80 -4.73
CA LYS B 137 -27.07 7.66 -3.57
C LYS B 137 -26.57 9.07 -3.78
N ALA B 138 -25.44 9.21 -4.49
CA ALA B 138 -24.87 10.50 -4.74
C ALA B 138 -25.54 11.20 -5.90
N GLY B 139 -26.38 10.48 -6.62
CA GLY B 139 -27.17 11.07 -7.72
C GLY B 139 -26.39 11.34 -9.01
N ILE B 140 -25.30 10.62 -9.22
CA ILE B 140 -24.48 10.76 -10.45
C ILE B 140 -24.29 9.46 -11.26
N ALA B 141 -24.93 8.38 -10.82
CA ALA B 141 -24.78 7.07 -11.48
C ALA B 141 -25.20 7.10 -12.97
N SER B 142 -26.25 7.87 -13.26
CA SER B 142 -26.85 7.90 -14.60
CA SER B 142 -26.84 7.92 -14.60
C SER B 142 -25.96 8.58 -15.67
N PHE B 143 -24.86 9.23 -15.25
CA PHE B 143 -23.93 9.83 -16.22
C PHE B 143 -23.13 8.78 -16.97
N PHE B 144 -23.09 7.57 -16.42
CA PHE B 144 -22.18 6.53 -16.89
C PHE B 144 -22.92 5.42 -17.60
N GLU B 145 -22.34 4.93 -18.69
CA GLU B 145 -22.95 3.86 -19.46
C GLU B 145 -22.71 2.49 -18.83
N ALA B 146 -21.73 2.40 -17.94
CA ALA B 146 -21.38 1.13 -17.29
C ALA B 146 -20.71 1.45 -15.95
N HIS B 147 -20.92 0.56 -14.99
CA HIS B 147 -20.27 0.67 -13.68
C HIS B 147 -19.55 -0.62 -13.42
N LEU B 148 -18.25 -0.60 -13.62
CA LEU B 148 -17.44 -1.79 -13.51
C LEU B 148 -16.69 -1.85 -12.21
N THR B 149 -16.36 -3.07 -11.78
CA THR B 149 -15.68 -3.25 -10.50
C THR B 149 -14.60 -4.31 -10.67
N VAL B 150 -13.80 -4.47 -9.63
CA VAL B 150 -12.76 -5.48 -9.68
C VAL B 150 -13.29 -6.92 -9.51
N HIS B 151 -14.62 -7.10 -9.41
CA HIS B 151 -15.24 -8.43 -9.14
CA HIS B 151 -15.15 -8.42 -9.08
C HIS B 151 -14.79 -9.50 -10.10
N SER B 152 -14.92 -9.21 -11.39
CA SER B 152 -14.60 -10.19 -12.41
C SER B 152 -13.11 -10.53 -12.50
N SER B 153 -12.25 -9.70 -11.89
CA SER B 153 -10.82 -9.93 -11.88
CA SER B 153 -10.83 -9.97 -11.90
C SER B 153 -10.35 -10.58 -10.59
N GLN B 154 -11.14 -10.41 -9.51
CA GLN B 154 -10.80 -10.93 -8.15
C GLN B 154 -9.40 -10.47 -7.74
N ARG B 155 -9.04 -9.25 -8.17
CA ARG B 155 -7.71 -8.69 -7.91
C ARG B 155 -7.94 -7.20 -7.84
N PHE B 156 -7.11 -6.50 -7.06
CA PHE B 156 -7.32 -5.06 -6.87
C PHE B 156 -6.40 -4.24 -7.78
N LYS B 157 -6.78 -2.99 -8.03
CA LYS B 157 -5.87 -2.08 -8.71
C LYS B 157 -4.58 -1.96 -7.91
N PRO B 158 -3.44 -1.76 -8.59
CA PRO B 158 -3.26 -1.60 -10.04
C PRO B 158 -2.89 -2.91 -10.77
N HIS B 159 -3.38 -4.06 -10.30
CA HIS B 159 -3.08 -5.31 -11.01
C HIS B 159 -3.51 -5.18 -12.48
N PRO B 160 -2.68 -5.65 -13.42
CA PRO B 160 -3.04 -5.54 -14.85
C PRO B 160 -4.38 -6.18 -15.26
N SER B 161 -4.80 -7.28 -14.60
CA SER B 161 -6.05 -7.99 -14.92
CA SER B 161 -6.02 -7.97 -15.00
C SER B 161 -7.24 -7.06 -14.86
N VAL B 162 -7.17 -6.10 -13.93
CA VAL B 162 -8.28 -5.18 -13.69
C VAL B 162 -8.54 -4.30 -14.89
N TYR B 163 -7.49 -3.69 -15.42
CA TYR B 163 -7.58 -2.83 -16.57
C TYR B 163 -7.87 -3.66 -17.82
N ASP B 164 -7.18 -4.79 -17.96
CA ASP B 164 -7.38 -5.65 -19.12
C ASP B 164 -8.81 -6.18 -19.21
N SER B 165 -9.37 -6.63 -18.10
CA SER B 165 -10.73 -7.15 -18.10
CA SER B 165 -10.75 -7.15 -18.04
C SER B 165 -11.75 -6.04 -18.37
N THR B 166 -11.44 -4.84 -17.92
CA THR B 166 -12.26 -3.66 -18.22
C THR B 166 -12.28 -3.33 -19.69
N ALA B 167 -11.09 -3.32 -20.31
CA ALA B 167 -10.95 -3.04 -21.75
C ALA B 167 -11.70 -4.09 -22.53
N GLU B 168 -11.51 -5.35 -22.16
CA GLU B 168 -12.22 -6.47 -22.81
C GLU B 168 -13.75 -6.32 -22.70
N THR B 169 -14.23 -6.04 -21.50
CA THR B 169 -15.67 -5.82 -21.27
C THR B 169 -16.22 -4.70 -22.19
N LEU B 170 -15.47 -3.61 -22.33
CA LEU B 170 -15.92 -2.47 -23.13
C LEU B 170 -15.71 -2.64 -24.63
N GLY B 171 -15.05 -3.73 -25.02
CA GLY B 171 -14.65 -3.95 -26.42
C GLY B 171 -13.77 -2.84 -26.91
N ALA B 172 -12.88 -2.37 -26.04
CA ALA B 172 -12.06 -1.22 -26.35
C ALA B 172 -10.57 -1.55 -26.36
N LYS B 173 -9.83 -0.86 -27.21
CA LYS B 173 -8.36 -0.93 -27.21
C LYS B 173 -7.80 0.03 -26.17
N PRO B 174 -6.61 -0.26 -25.63
CA PRO B 174 -5.98 0.67 -24.69
C PRO B 174 -5.91 2.13 -25.14
N GLU B 175 -5.60 2.36 -26.41
CA GLU B 175 -5.46 3.74 -26.92
C GLU B 175 -6.75 4.57 -26.85
N GLU B 176 -7.89 3.89 -26.78
CA GLU B 176 -9.21 4.52 -26.68
CA GLU B 176 -9.16 4.61 -26.68
C GLU B 176 -9.59 4.89 -25.23
N LEU B 177 -8.84 4.36 -24.27
CA LEU B 177 -9.20 4.51 -22.84
C LEU B 177 -8.35 5.52 -22.09
N CYS B 178 -8.97 6.24 -21.17
CA CYS B 178 -8.25 7.10 -20.25
C CYS B 178 -8.77 6.83 -18.85
N MET B 179 -7.86 6.41 -17.96
CA MET B 179 -8.20 6.23 -16.55
C MET B 179 -8.11 7.59 -15.83
N ILE B 180 -9.18 7.93 -15.11
CA ILE B 180 -9.26 9.20 -14.37
CA ILE B 180 -9.22 9.19 -14.36
C ILE B 180 -9.30 8.91 -12.88
N ALA B 181 -8.36 9.46 -12.12
CA ALA B 181 -8.31 9.21 -10.69
C ALA B 181 -7.56 10.31 -9.96
N CYS B 182 -7.81 10.43 -8.66
CA CYS B 182 -6.95 11.25 -7.81
C CYS B 182 -5.85 10.42 -7.15
N HIS B 183 -5.66 9.19 -7.62
CA HIS B 183 -4.63 8.30 -7.02
C HIS B 183 -3.65 7.93 -8.10
N ILE B 184 -2.40 8.35 -7.94
CA ILE B 184 -1.41 8.08 -8.97
CA ILE B 184 -1.34 8.08 -8.91
C ILE B 184 -1.17 6.57 -9.15
N TRP B 185 -1.42 5.77 -8.10
CA TRP B 185 -1.29 4.32 -8.23
C TRP B 185 -2.27 3.74 -9.28
N ASP B 186 -3.41 4.39 -9.43
CA ASP B 186 -4.43 3.94 -10.38
C ASP B 186 -4.07 4.38 -11.80
N THR B 187 -3.60 5.62 -11.95
CA THR B 187 -3.19 6.05 -13.28
C THR B 187 -1.93 5.28 -13.76
N ILE B 188 -0.98 5.04 -12.86
CA ILE B 188 0.20 4.20 -13.19
C ILE B 188 -0.28 2.82 -13.68
N GLY B 189 -1.25 2.27 -12.98
CA GLY B 189 -1.79 0.94 -13.31
C GLY B 189 -2.33 0.90 -14.74
N ALA B 190 -3.16 1.87 -15.05
CA ALA B 190 -3.80 1.95 -16.36
C ALA B 190 -2.78 2.25 -17.46
N GLN B 191 -1.88 3.20 -17.20
CA GLN B 191 -0.89 3.59 -18.21
CA GLN B 191 -0.89 3.58 -18.21
C GLN B 191 0.08 2.46 -18.53
N ALA B 192 0.37 1.62 -17.54
CA ALA B 192 1.20 0.45 -17.78
C ALA B 192 0.56 -0.57 -18.74
N ARG B 193 -0.75 -0.45 -18.97
CA ARG B 193 -1.50 -1.33 -19.86
C ARG B 193 -1.77 -0.63 -21.20
N GLY B 194 -1.17 0.54 -21.36
CA GLY B 194 -1.27 1.31 -22.61
C GLY B 194 -2.44 2.28 -22.68
N TRP B 195 -3.14 2.49 -21.56
CA TRP B 195 -4.19 3.51 -21.52
C TRP B 195 -3.55 4.86 -21.27
N ARG B 196 -4.32 5.92 -21.50
CA ARG B 196 -3.90 7.22 -20.99
CA ARG B 196 -3.99 7.27 -21.05
C ARG B 196 -4.36 7.38 -19.55
N GLY B 197 -3.75 8.31 -18.84
CA GLY B 197 -4.13 8.64 -17.45
C GLY B 197 -4.40 10.13 -17.24
N GLY B 198 -5.47 10.42 -16.49
CA GLY B 198 -5.84 11.80 -16.20
C GLY B 198 -5.90 11.92 -14.69
N PHE B 199 -5.07 12.77 -14.12
CA PHE B 199 -5.03 12.97 -12.67
C PHE B 199 -5.83 14.20 -12.23
N VAL B 200 -6.74 14.00 -11.29
CA VAL B 200 -7.43 15.14 -10.65
C VAL B 200 -6.94 15.32 -9.21
N ALA B 201 -6.46 16.52 -8.90
CA ALA B 201 -5.71 16.76 -7.68
C ALA B 201 -6.57 17.03 -6.44
N ARG B 202 -7.33 16.02 -6.02
CA ARG B 202 -8.12 16.13 -4.79
C ARG B 202 -7.24 16.38 -3.59
N PRO B 203 -7.78 17.01 -2.53
CA PRO B 203 -6.95 17.37 -1.37
C PRO B 203 -6.18 16.18 -0.82
N HIS B 204 -4.92 16.42 -0.48
CA HIS B 204 -4.02 15.40 0.06
C HIS B 204 -3.58 14.36 -0.97
N ASN B 205 -3.71 14.71 -2.24
CA ASN B 205 -3.19 13.87 -3.33
C ASN B 205 -2.39 14.67 -4.31
N THR B 206 -1.15 14.21 -4.53
CA THR B 206 -0.25 14.83 -5.50
CA THR B 206 -0.27 14.83 -5.52
C THR B 206 0.46 13.72 -6.27
N PRO B 207 0.93 14.01 -7.51
CA PRO B 207 1.65 12.93 -8.16
C PRO B 207 2.97 12.55 -7.51
N LEU B 208 3.39 11.32 -7.79
CA LEU B 208 4.64 10.80 -7.31
C LEU B 208 5.66 10.98 -8.44
N THR B 209 6.72 11.73 -8.17
CA THR B 209 7.76 11.88 -9.18
CA THR B 209 7.76 11.87 -9.18
C THR B 209 8.87 10.88 -8.91
N LEU B 210 9.01 9.91 -9.79
CA LEU B 210 9.97 8.89 -9.58
C LEU B 210 10.40 8.50 -10.98
N ALA B 211 11.71 8.31 -11.15
CA ALA B 211 12.27 7.94 -12.44
C ALA B 211 11.62 6.70 -13.01
N GLU B 212 11.34 6.79 -14.32
CA GLU B 212 10.73 5.74 -15.15
C GLU B 212 9.35 5.24 -14.71
N VAL B 213 8.70 6.02 -13.86
CA VAL B 213 7.30 5.84 -13.53
C VAL B 213 6.50 6.83 -14.39
N PRO B 214 5.47 6.34 -15.12
CA PRO B 214 4.76 7.24 -16.02
C PRO B 214 4.03 8.35 -15.27
N GLN B 215 4.10 9.56 -15.80
CA GLN B 215 3.35 10.70 -15.27
CA GLN B 215 3.35 10.68 -15.26
C GLN B 215 2.01 10.78 -16.00
N PRO B 216 0.98 11.35 -15.36
CA PRO B 216 -0.32 11.42 -16.02
C PRO B 216 -0.24 12.19 -17.32
N ASP B 217 -1.09 11.81 -18.26
CA ASP B 217 -1.17 12.50 -19.54
C ASP B 217 -1.83 13.86 -19.37
N PHE B 218 -2.76 13.95 -18.43
CA PHE B 218 -3.50 15.18 -18.13
C PHE B 218 -3.55 15.37 -16.62
N ILE B 219 -3.47 16.62 -16.18
CA ILE B 219 -3.58 16.96 -14.75
CA ILE B 219 -3.58 16.95 -14.76
C ILE B 219 -4.52 18.15 -14.57
N GLY B 220 -5.46 18.04 -13.65
CA GLY B 220 -6.36 19.13 -13.33
C GLY B 220 -6.36 19.32 -11.83
N ARG B 221 -6.49 20.56 -11.38
CA ARG B 221 -6.60 20.87 -9.95
C ARG B 221 -7.97 20.47 -9.40
N ASP B 222 -8.97 20.34 -10.29
CA ASP B 222 -10.31 19.86 -9.89
C ASP B 222 -10.92 19.24 -11.11
N MET B 223 -12.13 18.70 -11.00
CA MET B 223 -12.68 17.96 -12.13
C MET B 223 -13.01 18.87 -13.33
N GLY B 224 -13.37 20.11 -13.05
CA GLY B 224 -13.66 21.08 -14.10
C GLY B 224 -12.47 21.32 -14.99
N GLU B 225 -11.32 21.57 -14.36
CA GLU B 225 -10.09 21.87 -15.07
C GLU B 225 -9.56 20.66 -15.81
N LEU B 226 -9.62 19.49 -15.18
CA LEU B 226 -9.30 18.28 -15.91
C LEU B 226 -10.21 18.09 -17.14
N ALA B 227 -11.52 18.27 -16.98
CA ALA B 227 -12.46 18.17 -18.10
C ALA B 227 -12.10 19.16 -19.21
N ASP B 228 -11.80 20.40 -18.83
CA ASP B 228 -11.33 21.41 -19.78
CA ASP B 228 -11.34 21.41 -19.79
C ASP B 228 -10.20 20.86 -20.65
N GLN B 229 -9.18 20.30 -20.01
CA GLN B 229 -8.02 19.75 -20.71
CA GLN B 229 -8.02 19.74 -20.71
C GLN B 229 -8.35 18.54 -21.58
N LEU B 230 -9.26 17.70 -21.12
CA LEU B 230 -9.67 16.56 -21.93
C LEU B 230 -10.41 17.02 -23.16
N ILE B 231 -11.27 18.03 -22.99
CA ILE B 231 -12.09 18.55 -24.09
C ILE B 231 -11.19 19.32 -25.06
N ALA B 232 -10.33 20.18 -24.51
CA ALA B 232 -9.38 20.97 -25.32
C ALA B 232 -8.45 20.10 -26.17
N SER B 233 -8.01 18.97 -25.62
CA SER B 233 -7.15 18.05 -26.36
C SER B 233 -7.83 17.40 -27.56
N LEU B 234 -9.13 17.61 -27.72
CA LEU B 234 -9.83 17.12 -28.91
C LEU B 234 -9.58 18.00 -30.14
N THR B 235 -9.33 19.29 -29.91
CA THR B 235 -9.15 20.27 -31.00
C THR B 235 -7.67 20.56 -31.34
N ALA B 236 -6.76 20.20 -30.44
CA ALA B 236 -5.32 20.50 -30.59
C ALA B 236 -4.70 19.75 -31.76
#